data_3HJ6
#
_entry.id   3HJ6
#
_cell.length_a   43.446
_cell.length_b   171.941
_cell.length_c   46.598
_cell.angle_alpha   90.00
_cell.angle_beta   112.97
_cell.angle_gamma   90.00
#
_symmetry.space_group_name_H-M   'P 1 21 1'
#
loop_
_entity.id
_entity.type
_entity.pdbx_description
1 polymer Fructokinase
2 water water
#
_entity_poly.entity_id   1
_entity_poly.type   'polypeptide(L)'
_entity_poly.pdbx_seq_one_letter_code
;(MSE)KGEGVIVGILNKNFSLSKGDLDVVSLGEILVD(MSE)ISTEEVNSLSQSREYTRHFGGSPANIAVNLSRLGKKVA
LISRLGADAFGNYLLDVLKGEQIITDGIQQDKERRTTIVYVSKSTRTPDWLPYREAD(MSE)YLQEDDIIFELIKRSKVF
HLSTFILSRKPARDTAIKAFNYAREQGKIVCFDPCYRKVLWPEGDDGAGVVEEIISRADFVKPSLDDARHLFGPDSPENY
VKRYLELGVKAVILTLGEEGVIASDGEEIIRIPAFSEDAVDVTGAGDAFWSGFICGLLDGYTVKRSIKLGNGVAAFKIRG
VGALSPVPSKEDIIKEYNI
;
_entity_poly.pdbx_strand_id   A,B
#
# COMPACT_ATOMS: atom_id res chain seq x y z
N LEU A 22 -16.84 -21.59 -19.11
CA LEU A 22 -18.11 -22.32 -19.38
C LEU A 22 -19.08 -22.33 -18.19
N ASP A 23 -18.58 -22.50 -16.96
CA ASP A 23 -19.44 -22.54 -15.76
C ASP A 23 -19.77 -21.20 -15.14
N VAL A 24 -18.77 -20.58 -14.53
CA VAL A 24 -18.99 -19.29 -13.88
C VAL A 24 -17.99 -18.20 -14.28
N VAL A 25 -18.50 -16.98 -14.35
CA VAL A 25 -17.69 -15.83 -14.69
C VAL A 25 -17.86 -14.89 -13.52
N SER A 26 -16.77 -14.63 -12.83
CA SER A 26 -16.80 -13.76 -11.66
C SER A 26 -16.05 -12.48 -12.02
N LEU A 27 -16.72 -11.34 -11.83
CA LEU A 27 -16.11 -10.06 -12.13
C LEU A 27 -16.06 -9.17 -10.89
N GLY A 28 -14.89 -8.64 -10.61
CA GLY A 28 -14.75 -7.78 -9.46
C GLY A 28 -13.29 -7.58 -9.14
N GLU A 29 -13.02 -7.30 -7.88
CA GLU A 29 -11.66 -7.06 -7.42
C GLU A 29 -10.86 -8.31 -7.09
N ILE A 30 -9.54 -8.18 -7.24
CA ILE A 30 -8.56 -9.23 -6.94
C ILE A 30 -7.52 -8.38 -6.20
N LEU A 31 -7.08 -8.82 -5.04
CA LEU A 31 -6.13 -8.00 -4.33
C LEU A 31 -5.45 -8.87 -3.30
N VAL A 32 -4.43 -8.32 -2.65
CA VAL A 32 -3.75 -9.05 -1.61
C VAL A 32 -4.16 -8.42 -0.30
N ASP A 33 -4.45 -9.28 0.67
CA ASP A 33 -4.86 -8.86 2.00
C ASP A 33 -3.65 -8.93 2.92
N MSE A 34 -3.39 -7.85 3.66
CA MSE A 34 -2.30 -7.80 4.62
C MSE A 34 -3.01 -7.84 5.97
O MSE A 34 -3.54 -6.84 6.42
CB MSE A 34 -1.52 -6.50 4.46
CG MSE A 34 -0.61 -6.46 3.25
SE MSE A 34 0.94 -7.57 3.51
CE MSE A 34 1.59 -7.54 1.69
N ILE A 35 -3.03 -9.02 6.59
CA ILE A 35 -3.72 -9.18 7.87
C ILE A 35 -2.85 -9.14 9.11
N SER A 36 -3.37 -8.53 10.17
CA SER A 36 -2.68 -8.41 11.46
C SER A 36 -3.65 -8.81 12.56
N THR A 37 -3.39 -9.94 13.18
CA THR A 37 -4.25 -10.48 14.24
C THR A 37 -4.03 -9.85 15.61
N GLU A 38 -2.91 -9.16 15.78
CA GLU A 38 -2.61 -8.50 17.05
C GLU A 38 -3.85 -7.78 17.58
N GLU A 39 -4.08 -7.90 18.87
CA GLU A 39 -5.24 -7.27 19.48
C GLU A 39 -4.86 -5.85 19.88
N VAL A 40 -5.14 -4.90 19.00
CA VAL A 40 -4.80 -3.51 19.25
C VAL A 40 -5.99 -2.57 19.09
N ASN A 41 -5.81 -1.32 19.50
CA ASN A 41 -6.87 -0.36 19.39
C ASN A 41 -7.07 0.04 17.95
N SER A 42 -5.98 0.43 17.29
CA SER A 42 -6.02 0.86 15.90
C SER A 42 -5.11 -0.01 15.06
N LEU A 43 -5.21 0.15 13.74
CA LEU A 43 -4.38 -0.61 12.82
C LEU A 43 -3.00 0.04 12.88
N SER A 44 -2.95 1.25 13.39
CA SER A 44 -1.70 1.97 13.51
C SER A 44 -0.80 1.29 14.54
N GLN A 45 -1.39 0.37 15.30
CA GLN A 45 -0.67 -0.37 16.31
C GLN A 45 -0.21 -1.74 15.83
N SER A 46 -0.76 -2.18 14.69
CA SER A 46 -0.39 -3.46 14.10
C SER A 46 1.02 -3.43 13.54
N ARG A 47 1.84 -4.39 13.97
CA ARG A 47 3.23 -4.46 13.57
C ARG A 47 3.56 -5.68 12.71
N GLU A 48 2.77 -6.75 12.86
CA GLU A 48 2.96 -7.98 12.12
C GLU A 48 1.86 -8.18 11.10
N TYR A 49 2.22 -8.46 9.86
CA TYR A 49 1.25 -8.67 8.81
C TYR A 49 1.59 -9.88 7.95
N THR A 50 0.57 -10.68 7.66
CA THR A 50 0.72 -11.86 6.82
C THR A 50 0.03 -11.56 5.50
N ARG A 51 0.70 -11.87 4.41
CA ARG A 51 0.19 -11.60 3.08
C ARG A 51 -0.72 -12.71 2.55
N HIS A 52 -1.97 -12.36 2.28
CA HIS A 52 -2.96 -13.31 1.78
C HIS A 52 -3.57 -12.98 0.43
N PHE A 53 -4.00 -14.01 -0.27
CA PHE A 53 -4.68 -13.88 -1.56
C PHE A 53 -6.08 -13.43 -1.17
N GLY A 54 -6.58 -12.38 -1.81
CA GLY A 54 -7.90 -11.88 -1.47
C GLY A 54 -8.74 -11.36 -2.60
N GLY A 55 -9.84 -10.71 -2.24
CA GLY A 55 -10.79 -10.18 -3.22
C GLY A 55 -11.95 -11.18 -3.25
N SER A 56 -13.12 -10.78 -2.78
CA SER A 56 -14.25 -11.69 -2.75
C SER A 56 -14.54 -12.43 -4.06
N PRO A 57 -14.68 -11.70 -5.17
CA PRO A 57 -14.95 -12.36 -6.45
C PRO A 57 -13.87 -13.40 -6.75
N ALA A 58 -12.65 -13.12 -6.28
CA ALA A 58 -11.51 -13.99 -6.49
C ALA A 58 -11.60 -15.21 -5.59
N ASN A 59 -12.03 -15.02 -4.34
CA ASN A 59 -12.15 -16.14 -3.39
C ASN A 59 -13.25 -17.07 -3.84
N ILE A 60 -14.31 -16.51 -4.41
CA ILE A 60 -15.42 -17.30 -4.90
C ILE A 60 -14.92 -18.14 -6.06
N ALA A 61 -14.15 -17.54 -6.96
CA ALA A 61 -13.59 -18.25 -8.10
C ALA A 61 -12.78 -19.46 -7.64
N VAL A 62 -11.80 -19.20 -6.77
CA VAL A 62 -10.94 -20.26 -6.27
C VAL A 62 -11.75 -21.42 -5.71
N ASN A 63 -12.75 -21.11 -4.88
CA ASN A 63 -13.62 -22.11 -4.28
C ASN A 63 -14.36 -22.93 -5.33
N LEU A 64 -15.08 -22.23 -6.20
CA LEU A 64 -15.82 -22.89 -7.27
C LEU A 64 -14.87 -23.84 -7.98
N SER A 65 -13.63 -23.40 -8.20
CA SER A 65 -12.66 -24.22 -8.86
C SER A 65 -12.33 -25.47 -8.05
N ARG A 66 -12.20 -25.28 -6.74
CA ARG A 66 -11.89 -26.39 -5.82
C ARG A 66 -13.08 -27.33 -5.71
N LEU A 67 -14.29 -26.80 -5.93
CA LEU A 67 -15.51 -27.61 -5.90
C LEU A 67 -15.63 -28.23 -7.27
N GLY A 68 -14.60 -27.99 -8.08
CA GLY A 68 -14.47 -28.51 -9.44
C GLY A 68 -15.41 -27.96 -10.52
N LYS A 69 -15.45 -26.64 -10.68
CA LYS A 69 -16.28 -26.00 -11.70
C LYS A 69 -15.39 -25.04 -12.50
N LYS A 70 -15.69 -24.88 -13.78
CA LYS A 70 -14.91 -24.01 -14.65
C LYS A 70 -15.28 -22.55 -14.46
N VAL A 71 -14.36 -21.84 -13.81
CA VAL A 71 -14.58 -20.43 -13.51
C VAL A 71 -13.58 -19.52 -14.22
N ALA A 72 -13.98 -18.27 -14.38
CA ALA A 72 -13.16 -17.25 -15.02
C ALA A 72 -13.30 -15.99 -14.18
N LEU A 73 -12.20 -15.52 -13.61
CA LEU A 73 -12.22 -14.33 -12.80
C LEU A 73 -11.84 -13.16 -13.67
N ILE A 74 -12.68 -12.13 -13.70
CA ILE A 74 -12.39 -10.91 -14.47
C ILE A 74 -11.88 -9.84 -13.51
N SER A 75 -10.58 -9.63 -13.48
CA SER A 75 -10.02 -8.63 -12.59
C SER A 75 -8.82 -7.92 -13.18
N ARG A 76 -8.35 -6.91 -12.48
CA ARG A 76 -7.18 -6.16 -12.89
C ARG A 76 -6.22 -6.06 -11.73
N LEU A 77 -4.99 -6.51 -11.97
CA LEU A 77 -3.92 -6.46 -10.98
C LEU A 77 -2.70 -5.87 -11.67
N GLY A 78 -1.78 -5.32 -10.87
CA GLY A 78 -0.59 -4.72 -11.44
C GLY A 78 0.40 -5.74 -11.97
N ALA A 79 1.49 -5.25 -12.53
CA ALA A 79 2.53 -6.11 -13.06
C ALA A 79 3.67 -6.05 -12.05
N ASP A 80 3.45 -6.67 -10.89
CA ASP A 80 4.45 -6.66 -9.84
C ASP A 80 4.41 -7.93 -8.98
N ALA A 81 5.30 -7.99 -7.99
CA ALA A 81 5.41 -9.13 -7.08
C ALA A 81 4.04 -9.68 -6.68
N PHE A 82 3.19 -8.80 -6.16
CA PHE A 82 1.86 -9.18 -5.73
C PHE A 82 0.96 -9.65 -6.86
N GLY A 83 0.95 -8.90 -7.97
CA GLY A 83 0.15 -9.29 -9.11
C GLY A 83 0.57 -10.70 -9.53
N ASN A 84 1.89 -10.89 -9.67
CA ASN A 84 2.45 -12.18 -10.06
C ASN A 84 2.04 -13.23 -9.05
N TYR A 85 2.19 -12.92 -7.77
CA TYR A 85 1.80 -13.85 -6.73
C TYR A 85 0.35 -14.28 -6.91
N LEU A 86 -0.51 -13.29 -7.09
CA LEU A 86 -1.93 -13.54 -7.26
C LEU A 86 -2.17 -14.47 -8.44
N LEU A 87 -1.53 -14.16 -9.57
CA LEU A 87 -1.66 -14.96 -10.79
C LEU A 87 -1.26 -16.40 -10.57
N ASP A 88 -0.13 -16.59 -9.88
CA ASP A 88 0.38 -17.92 -9.57
C ASP A 88 -0.66 -18.78 -8.86
N VAL A 89 -1.34 -18.23 -7.86
CA VAL A 89 -2.35 -18.99 -7.14
C VAL A 89 -3.58 -19.14 -8.02
N LEU A 90 -3.78 -18.17 -8.93
CA LEU A 90 -4.92 -18.24 -9.84
C LEU A 90 -4.66 -19.38 -10.81
N LYS A 91 -3.42 -19.50 -11.27
CA LYS A 91 -3.07 -20.56 -12.20
C LYS A 91 -2.95 -21.91 -11.52
N GLY A 92 -2.45 -21.92 -10.29
CA GLY A 92 -2.32 -23.15 -9.55
C GLY A 92 -3.68 -23.70 -9.14
N GLU A 93 -4.69 -22.85 -9.10
CA GLU A 93 -6.03 -23.29 -8.73
C GLU A 93 -6.86 -23.63 -9.97
N GLN A 94 -6.21 -23.55 -11.13
CA GLN A 94 -6.83 -23.84 -12.42
C GLN A 94 -8.01 -22.90 -12.70
N ILE A 95 -7.86 -21.64 -12.35
CA ILE A 95 -8.89 -20.66 -12.61
C ILE A 95 -8.56 -20.15 -14.02
N ILE A 96 -9.55 -20.07 -14.89
CA ILE A 96 -9.29 -19.58 -16.23
C ILE A 96 -8.95 -18.12 -16.05
N THR A 97 -7.82 -17.68 -16.60
CA THR A 97 -7.37 -16.31 -16.44
C THR A 97 -7.22 -15.48 -17.70
N ASP A 98 -8.09 -15.69 -18.67
CA ASP A 98 -8.03 -14.93 -19.91
C ASP A 98 -8.48 -13.50 -19.70
N GLY A 99 -9.55 -13.32 -18.94
CA GLY A 99 -10.07 -11.99 -18.69
C GLY A 99 -9.32 -11.22 -17.62
N ILE A 100 -8.19 -11.76 -17.19
CA ILE A 100 -7.38 -11.09 -16.17
C ILE A 100 -6.47 -10.08 -16.87
N GLN A 101 -6.43 -8.87 -16.34
CA GLN A 101 -5.63 -7.79 -16.90
C GLN A 101 -4.44 -7.41 -16.03
N GLN A 102 -3.27 -7.29 -16.63
CA GLN A 102 -2.07 -6.91 -15.89
C GLN A 102 -1.79 -5.44 -16.16
N ASP A 103 -1.95 -4.57 -15.16
CA ASP A 103 -1.69 -3.15 -15.39
C ASP A 103 -0.20 -2.93 -15.40
N LYS A 104 0.32 -2.53 -16.56
CA LYS A 104 1.74 -2.30 -16.75
C LYS A 104 2.29 -1.11 -15.95
N GLU A 105 1.40 -0.26 -15.42
CA GLU A 105 1.86 0.89 -14.67
C GLU A 105 1.34 1.02 -13.26
N ARG A 106 0.11 0.59 -13.00
CA ARG A 106 -0.43 0.72 -11.65
C ARG A 106 -0.11 -0.47 -10.73
N ARG A 107 -0.15 -0.22 -9.42
CA ARG A 107 0.14 -1.27 -8.46
C ARG A 107 -1.06 -2.16 -8.17
N THR A 108 -0.79 -3.41 -7.79
CA THR A 108 -1.83 -4.35 -7.42
C THR A 108 -2.49 -3.76 -6.19
N THR A 109 -3.82 -3.76 -6.16
CA THR A 109 -4.55 -3.24 -5.03
C THR A 109 -4.25 -4.05 -3.79
N ILE A 110 -4.21 -3.37 -2.66
CA ILE A 110 -3.93 -3.99 -1.38
C ILE A 110 -4.81 -3.43 -0.27
N VAL A 111 -5.33 -4.31 0.56
CA VAL A 111 -6.14 -3.85 1.68
C VAL A 111 -5.46 -4.31 2.96
N TYR A 112 -5.36 -3.42 3.94
CA TYR A 112 -4.78 -3.78 5.24
C TYR A 112 -5.94 -4.06 6.19
N VAL A 113 -5.83 -5.13 6.96
CA VAL A 113 -6.90 -5.53 7.85
C VAL A 113 -6.42 -5.92 9.23
N SER A 114 -7.25 -5.70 10.24
CA SER A 114 -6.84 -6.06 11.59
C SER A 114 -7.45 -7.37 12.01
N LYS A 115 -8.74 -7.54 11.71
CA LYS A 115 -9.39 -8.79 12.04
C LYS A 115 -9.44 -9.12 13.52
N SER A 116 -10.65 -9.08 14.04
CA SER A 116 -10.88 -9.37 15.44
C SER A 116 -12.37 -9.32 15.68
N THR A 117 -12.80 -9.85 16.81
CA THR A 117 -14.20 -9.84 17.14
C THR A 117 -14.69 -8.40 17.23
N ARG A 118 -13.87 -7.55 17.81
CA ARG A 118 -14.21 -6.15 17.95
C ARG A 118 -12.99 -5.31 17.67
N THR A 119 -12.74 -5.01 16.41
CA THR A 119 -11.59 -4.21 16.09
C THR A 119 -11.01 -4.26 14.70
N PRO A 120 -11.79 -4.61 13.65
CA PRO A 120 -11.08 -4.58 12.38
C PRO A 120 -10.54 -3.16 12.24
N ASP A 121 -10.73 -2.61 11.07
CA ASP A 121 -10.24 -1.31 10.70
C ASP A 121 -9.57 -1.89 9.51
N TRP A 122 -9.83 -1.30 8.37
CA TRP A 122 -9.17 -1.77 7.20
C TRP A 122 -8.78 -0.57 6.39
N LEU A 123 -7.61 -0.64 5.79
CA LEU A 123 -7.12 0.45 5.00
C LEU A 123 -6.94 -0.05 3.57
N PRO A 124 -7.66 0.57 2.62
CA PRO A 124 -7.54 0.17 1.22
C PRO A 124 -6.52 0.99 0.46
N TYR A 125 -5.69 0.32 -0.33
CA TYR A 125 -4.72 0.97 -1.18
C TYR A 125 -5.13 0.48 -2.55
N ARG A 126 -6.22 1.05 -3.06
CA ARG A 126 -6.71 0.64 -4.36
C ARG A 126 -5.92 1.29 -5.47
N GLU A 127 -5.77 0.53 -6.54
CA GLU A 127 -5.03 0.96 -7.71
C GLU A 127 -5.57 0.15 -8.88
N ALA A 128 -4.80 -0.82 -9.36
CA ALA A 128 -5.21 -1.64 -10.49
C ALA A 128 -6.69 -2.09 -10.50
N ASP A 129 -7.15 -2.71 -9.41
CA ASP A 129 -8.52 -3.23 -9.36
C ASP A 129 -9.59 -2.30 -9.89
N MSE A 130 -9.45 -1.01 -9.64
CA MSE A 130 -10.45 -0.06 -10.09
C MSE A 130 -10.25 0.44 -11.51
O MSE A 130 -11.02 1.30 -11.97
CB MSE A 130 -10.54 1.14 -9.12
CG MSE A 130 -9.25 1.85 -8.86
SE MSE A 130 -9.54 3.41 -7.74
CE MSE A 130 -10.07 4.66 -9.12
N TYR A 131 -9.27 -0.09 -12.22
CA TYR A 131 -9.02 0.33 -13.60
C TYR A 131 -9.34 -0.73 -14.65
N LEU A 132 -10.24 -1.63 -14.29
CA LEU A 132 -10.69 -2.73 -15.16
C LEU A 132 -11.22 -2.17 -16.47
N GLN A 133 -10.83 -2.76 -17.59
CA GLN A 133 -11.26 -2.28 -18.91
C GLN A 133 -12.38 -3.14 -19.51
N GLU A 134 -12.75 -2.86 -20.75
CA GLU A 134 -13.80 -3.59 -21.46
C GLU A 134 -13.21 -4.44 -22.60
N ASP A 135 -12.96 -5.72 -22.32
CA ASP A 135 -12.35 -6.64 -23.29
C ASP A 135 -13.12 -7.94 -23.63
N ASP A 136 -13.18 -8.89 -22.70
CA ASP A 136 -13.88 -10.16 -22.93
C ASP A 136 -15.30 -10.27 -22.40
N ILE A 137 -16.23 -9.92 -23.25
CA ILE A 137 -17.64 -9.99 -22.90
C ILE A 137 -18.07 -11.33 -23.51
N ILE A 138 -17.11 -11.97 -24.16
CA ILE A 138 -17.36 -13.26 -24.77
C ILE A 138 -17.37 -14.30 -23.68
N PHE A 139 -16.64 -14.02 -22.61
CA PHE A 139 -16.58 -14.93 -21.48
C PHE A 139 -17.96 -15.27 -20.93
N GLU A 140 -18.85 -14.28 -20.94
CA GLU A 140 -20.21 -14.46 -20.44
C GLU A 140 -20.94 -15.54 -21.22
N LEU A 141 -21.15 -15.27 -22.50
CA LEU A 141 -21.86 -16.19 -23.37
C LEU A 141 -21.40 -17.61 -23.13
N ILE A 142 -20.08 -17.81 -23.09
CA ILE A 142 -19.54 -19.15 -22.89
C ILE A 142 -19.95 -19.68 -21.52
N LYS A 143 -20.11 -18.78 -20.54
CA LYS A 143 -20.52 -19.17 -19.19
C LYS A 143 -22.01 -19.45 -19.17
N LYS A 146 -23.74 -21.51 -16.49
CA LYS A 146 -23.81 -20.16 -17.01
C LYS A 146 -24.17 -19.13 -15.93
N VAL A 147 -23.28 -18.95 -14.96
CA VAL A 147 -23.54 -17.99 -13.90
C VAL A 147 -22.56 -16.84 -13.94
N PHE A 148 -23.08 -15.64 -13.74
CA PHE A 148 -22.29 -14.44 -13.70
C PHE A 148 -22.45 -13.83 -12.32
N HIS A 149 -21.33 -13.64 -11.63
CA HIS A 149 -21.32 -13.08 -10.29
C HIS A 149 -20.61 -11.73 -10.25
N LEU A 150 -21.22 -10.81 -9.52
CA LEU A 150 -20.71 -9.45 -9.41
C LEU A 150 -20.65 -8.99 -7.95
N SER A 151 -19.70 -8.10 -7.64
CA SER A 151 -19.59 -7.57 -6.29
C SER A 151 -19.85 -6.06 -6.29
N THR A 152 -20.03 -5.49 -5.11
CA THR A 152 -20.29 -4.06 -5.00
C THR A 152 -18.98 -3.29 -5.00
N PHE A 153 -18.00 -3.81 -4.28
CA PHE A 153 -16.67 -3.19 -4.17
C PHE A 153 -16.25 -2.65 -5.54
N ILE A 154 -16.22 -3.52 -6.55
CA ILE A 154 -15.83 -3.13 -7.89
C ILE A 154 -16.64 -1.96 -8.45
N LEU A 155 -17.87 -1.79 -7.96
CA LEU A 155 -18.74 -0.70 -8.43
C LEU A 155 -18.43 0.66 -7.82
N SER A 156 -17.86 0.67 -6.63
CA SER A 156 -17.57 1.91 -5.92
C SER A 156 -16.78 2.96 -6.67
N ARG A 157 -15.74 2.55 -7.37
CA ARG A 157 -14.94 3.54 -8.05
C ARG A 157 -15.04 3.65 -9.57
N LYS A 158 -15.21 4.90 -9.95
CA LYS A 158 -15.37 5.45 -11.30
C LYS A 158 -14.97 4.71 -12.60
N PRO A 159 -13.69 4.32 -12.78
CA PRO A 159 -13.41 3.64 -14.06
C PRO A 159 -13.93 2.19 -14.16
N ALA A 160 -13.48 1.33 -13.26
CA ALA A 160 -13.89 -0.09 -13.25
C ALA A 160 -15.40 -0.26 -13.10
N ARG A 161 -16.03 0.65 -12.37
CA ARG A 161 -17.45 0.58 -12.14
C ARG A 161 -18.24 0.44 -13.44
N ASP A 162 -17.86 1.23 -14.44
CA ASP A 162 -18.53 1.23 -15.72
C ASP A 162 -18.42 -0.08 -16.49
N THR A 163 -17.22 -0.66 -16.51
CA THR A 163 -17.05 -1.92 -17.22
C THR A 163 -17.78 -3.05 -16.46
N ALA A 164 -17.95 -2.87 -15.16
CA ALA A 164 -18.66 -3.86 -14.36
C ALA A 164 -20.15 -3.90 -14.72
N ILE A 165 -20.83 -2.76 -14.66
CA ILE A 165 -22.25 -2.77 -14.97
C ILE A 165 -22.48 -3.11 -16.44
N LYS A 166 -21.58 -2.66 -17.30
CA LYS A 166 -21.70 -2.95 -18.72
C LYS A 166 -21.71 -4.46 -18.87
N ALA A 167 -20.89 -5.12 -18.07
CA ALA A 167 -20.81 -6.57 -18.10
C ALA A 167 -22.04 -7.13 -17.44
N PHE A 168 -22.52 -6.43 -16.42
CA PHE A 168 -23.71 -6.85 -15.70
C PHE A 168 -24.89 -6.92 -16.68
N ASN A 169 -25.13 -5.80 -17.35
CA ASN A 169 -26.22 -5.75 -18.30
C ASN A 169 -26.03 -6.72 -19.45
N TYR A 170 -24.78 -6.97 -19.86
CA TYR A 170 -24.56 -7.91 -20.96
C TYR A 170 -24.98 -9.32 -20.53
N ALA A 171 -24.56 -9.69 -19.32
CA ALA A 171 -24.89 -11.01 -18.79
C ALA A 171 -26.41 -11.19 -18.77
N ARG A 172 -27.14 -10.14 -18.42
CA ARG A 172 -28.59 -10.23 -18.40
C ARG A 172 -29.09 -10.41 -19.81
N GLU A 173 -28.66 -9.53 -20.72
CA GLU A 173 -29.07 -9.62 -22.11
C GLU A 173 -28.91 -11.05 -22.62
N GLN A 174 -27.78 -11.68 -22.27
CA GLN A 174 -27.50 -13.05 -22.68
C GLN A 174 -28.31 -14.10 -21.93
N GLY A 175 -29.20 -13.65 -21.06
CA GLY A 175 -30.01 -14.58 -20.30
C GLY A 175 -29.22 -15.44 -19.32
N LYS A 176 -28.24 -14.84 -18.67
CA LYS A 176 -27.43 -15.57 -17.70
C LYS A 176 -27.97 -15.35 -16.29
N ILE A 177 -27.63 -16.27 -15.40
CA ILE A 177 -28.04 -16.16 -14.00
C ILE A 177 -27.12 -15.12 -13.38
N VAL A 178 -27.68 -14.04 -12.88
CA VAL A 178 -26.85 -12.98 -12.29
C VAL A 178 -26.87 -12.96 -10.77
N CYS A 179 -25.70 -13.10 -10.17
CA CYS A 179 -25.55 -13.07 -8.71
C CYS A 179 -24.80 -11.83 -8.28
N PHE A 180 -25.43 -11.03 -7.45
CA PHE A 180 -24.83 -9.81 -6.97
C PHE A 180 -24.73 -9.79 -5.46
N ASP A 181 -23.59 -9.31 -4.96
CA ASP A 181 -23.38 -9.21 -3.53
C ASP A 181 -23.45 -7.73 -3.16
N PRO A 182 -24.58 -7.29 -2.61
CA PRO A 182 -24.79 -5.90 -2.22
C PRO A 182 -24.01 -5.49 -0.96
N CYS A 183 -22.70 -5.70 -0.99
CA CYS A 183 -21.86 -5.31 0.13
C CYS A 183 -21.52 -3.83 -0.01
N TYR A 184 -22.57 -3.01 0.03
CA TYR A 184 -22.41 -1.57 -0.09
C TYR A 184 -21.85 -0.91 1.17
N ARG A 185 -20.78 -0.14 1.01
CA ARG A 185 -20.16 0.57 2.11
C ARG A 185 -19.65 1.92 1.60
N LYS A 186 -20.35 2.98 1.99
CA LYS A 186 -20.05 4.37 1.59
C LYS A 186 -18.59 4.84 1.49
N VAL A 187 -17.75 4.51 2.46
CA VAL A 187 -16.36 4.94 2.40
C VAL A 187 -15.68 4.66 1.06
N LEU A 188 -16.03 3.54 0.43
CA LEU A 188 -15.45 3.17 -0.85
C LEU A 188 -15.92 4.03 -1.99
N TRP A 189 -16.91 4.89 -1.72
CA TRP A 189 -17.47 5.74 -2.76
C TRP A 189 -17.12 7.23 -2.70
N PRO A 190 -17.03 7.86 -3.88
CA PRO A 190 -16.72 9.29 -3.97
C PRO A 190 -17.84 10.11 -3.33
N GLU A 191 -17.47 11.23 -2.71
CA GLU A 191 -18.43 12.11 -2.03
C GLU A 191 -19.65 12.49 -2.87
N GLY A 192 -19.44 12.70 -4.16
CA GLY A 192 -20.53 13.12 -5.02
C GLY A 192 -21.51 12.04 -5.48
N ASP A 193 -20.99 10.88 -5.86
CA ASP A 193 -21.83 9.79 -6.34
C ASP A 193 -22.88 9.32 -5.33
N ASP A 194 -23.96 8.74 -5.86
CA ASP A 194 -25.05 8.25 -5.03
C ASP A 194 -24.61 7.05 -4.20
N GLY A 195 -24.20 5.97 -4.89
CA GLY A 195 -23.76 4.78 -4.18
C GLY A 195 -24.91 3.84 -3.92
N ALA A 196 -25.79 4.23 -3.00
CA ALA A 196 -26.94 3.41 -2.64
C ALA A 196 -27.86 3.15 -3.83
N GLY A 197 -28.13 4.18 -4.63
CA GLY A 197 -28.98 4.03 -5.78
C GLY A 197 -28.36 3.10 -6.82
N VAL A 198 -27.04 3.15 -6.94
CA VAL A 198 -26.35 2.30 -7.90
C VAL A 198 -26.50 0.84 -7.48
N VAL A 199 -26.20 0.57 -6.22
CA VAL A 199 -26.32 -0.77 -5.67
C VAL A 199 -27.76 -1.22 -5.86
N GLU A 200 -28.70 -0.31 -5.63
CA GLU A 200 -30.11 -0.62 -5.77
C GLU A 200 -30.48 -0.85 -7.25
N GLU A 201 -30.06 0.07 -8.11
CA GLU A 201 -30.35 -0.06 -9.52
C GLU A 201 -29.98 -1.43 -10.04
N ILE A 202 -29.09 -2.12 -9.32
CA ILE A 202 -28.62 -3.46 -9.73
C ILE A 202 -29.32 -4.61 -8.99
N ILE A 203 -29.57 -4.41 -7.69
CA ILE A 203 -30.25 -5.43 -6.91
C ILE A 203 -31.55 -5.71 -7.66
N SER A 204 -32.19 -4.62 -8.08
CA SER A 204 -33.44 -4.69 -8.81
C SER A 204 -33.36 -5.51 -10.08
N ARG A 205 -32.22 -5.50 -10.75
CA ARG A 205 -32.11 -6.25 -11.98
C ARG A 205 -31.44 -7.62 -11.83
N ALA A 206 -31.10 -7.99 -10.60
CA ALA A 206 -30.43 -9.28 -10.35
C ALA A 206 -31.38 -10.42 -10.04
N ASP A 207 -30.85 -11.64 -10.03
CA ASP A 207 -31.63 -12.82 -9.72
C ASP A 207 -31.51 -13.15 -8.24
N PHE A 208 -30.29 -13.20 -7.75
CA PHE A 208 -30.05 -13.51 -6.35
C PHE A 208 -29.12 -12.51 -5.71
N VAL A 209 -29.28 -12.30 -4.42
CA VAL A 209 -28.40 -11.40 -3.71
C VAL A 209 -28.10 -12.02 -2.36
N LYS A 210 -26.99 -11.60 -1.76
CA LYS A 210 -26.58 -12.13 -0.49
C LYS A 210 -26.30 -11.03 0.50
N PRO A 211 -27.29 -10.20 0.82
CA PRO A 211 -26.97 -9.17 1.78
C PRO A 211 -26.80 -9.79 3.18
N SER A 212 -26.04 -9.14 4.04
CA SER A 212 -25.86 -9.61 5.40
C SER A 212 -26.57 -8.55 6.19
N LEU A 213 -26.70 -8.74 7.50
CA LEU A 213 -27.38 -7.73 8.30
C LEU A 213 -26.67 -6.40 8.26
N ASP A 214 -25.34 -6.44 8.14
CA ASP A 214 -24.55 -5.21 8.07
C ASP A 214 -24.80 -4.58 6.71
N ASP A 215 -24.68 -5.38 5.66
CA ASP A 215 -24.89 -4.90 4.31
C ASP A 215 -26.26 -4.28 4.22
N ALA A 216 -27.17 -4.75 5.09
CA ALA A 216 -28.55 -4.27 5.11
C ALA A 216 -28.69 -2.97 5.88
N ARG A 217 -28.08 -2.91 7.05
CA ARG A 217 -28.13 -1.71 7.89
C ARG A 217 -27.55 -0.54 7.14
N HIS A 218 -26.50 -0.81 6.36
CA HIS A 218 -25.81 0.21 5.60
C HIS A 218 -26.61 0.77 4.43
N LEU A 219 -27.45 -0.06 3.83
CA LEU A 219 -28.25 0.40 2.68
C LEU A 219 -29.65 0.86 3.06
N PHE A 220 -30.22 0.23 4.09
CA PHE A 220 -31.58 0.52 4.53
C PHE A 220 -31.67 1.07 5.93
N GLY A 221 -30.54 1.41 6.52
CA GLY A 221 -30.59 1.92 7.88
C GLY A 221 -31.12 0.80 8.76
N PRO A 222 -31.37 1.07 10.05
CA PRO A 222 -31.87 0.04 10.97
C PRO A 222 -33.34 -0.29 10.75
N ASP A 223 -34.02 0.55 9.97
CA ASP A 223 -35.44 0.37 9.69
C ASP A 223 -35.88 -1.02 9.28
N SER A 224 -35.63 -1.99 10.16
CA SER A 224 -35.99 -3.37 9.87
C SER A 224 -35.01 -4.31 10.52
N PRO A 225 -35.49 -5.38 11.17
CA PRO A 225 -34.61 -6.35 11.82
C PRO A 225 -34.50 -7.62 10.96
N GLU A 226 -35.44 -7.76 10.04
CA GLU A 226 -35.49 -8.90 9.14
C GLU A 226 -36.39 -8.47 8.01
N ASN A 227 -37.15 -7.41 8.25
CA ASN A 227 -38.06 -6.88 7.25
C ASN A 227 -37.20 -6.33 6.13
N TYR A 228 -35.89 -6.31 6.37
CA TYR A 228 -34.95 -5.83 5.36
C TYR A 228 -35.33 -6.54 4.07
N VAL A 229 -35.61 -7.83 4.20
CA VAL A 229 -36.00 -8.69 3.09
C VAL A 229 -37.14 -8.09 2.27
N LYS A 230 -37.73 -7.00 2.77
CA LYS A 230 -38.82 -6.33 2.06
C LYS A 230 -38.25 -5.75 0.78
N ARG A 231 -36.91 -5.80 0.68
CA ARG A 231 -36.15 -5.33 -0.47
C ARG A 231 -36.46 -6.21 -1.68
N TYR A 232 -37.31 -7.23 -1.48
CA TYR A 232 -37.71 -8.10 -2.56
C TYR A 232 -38.52 -7.13 -3.40
N LEU A 233 -39.05 -6.14 -2.69
CA LEU A 233 -39.84 -5.11 -3.30
C LEU A 233 -38.86 -4.04 -3.74
N GLU A 234 -37.66 -4.11 -3.18
CA GLU A 234 -36.61 -3.17 -3.56
C GLU A 234 -36.21 -3.46 -4.99
N LEU A 235 -37.16 -4.01 -5.73
CA LEU A 235 -36.93 -4.34 -7.12
C LEU A 235 -36.20 -5.67 -7.18
N GLY A 236 -35.44 -5.93 -6.13
CA GLY A 236 -34.63 -7.14 -5.99
C GLY A 236 -34.97 -8.36 -6.83
N VAL A 237 -36.23 -8.44 -7.26
CA VAL A 237 -36.72 -9.56 -8.05
C VAL A 237 -36.11 -10.87 -7.60
N LYS A 238 -36.02 -11.83 -8.52
CA LYS A 238 -35.46 -13.12 -8.18
C LYS A 238 -35.78 -13.45 -6.73
N ALA A 239 -34.74 -13.69 -5.96
CA ALA A 239 -34.88 -14.01 -4.57
C ALA A 239 -33.65 -13.50 -3.87
N VAL A 240 -33.72 -13.39 -2.55
CA VAL A 240 -32.62 -12.90 -1.77
C VAL A 240 -32.44 -13.74 -0.53
N ILE A 241 -31.20 -14.10 -0.24
CA ILE A 241 -30.90 -14.86 0.96
C ILE A 241 -30.13 -13.91 1.88
N LEU A 242 -30.70 -13.63 3.04
CA LEU A 242 -30.10 -12.70 4.01
C LEU A 242 -29.37 -13.44 5.13
N THR A 243 -28.05 -13.38 5.10
CA THR A 243 -27.27 -14.07 6.12
C THR A 243 -27.36 -13.29 7.43
N LEU A 244 -27.51 -14.02 8.52
CA LEU A 244 -27.63 -13.42 9.83
C LEU A 244 -26.44 -13.81 10.68
N GLY A 245 -25.30 -14.02 10.03
CA GLY A 245 -24.11 -14.41 10.75
C GLY A 245 -24.31 -15.65 11.59
N GLU A 246 -24.19 -15.50 12.91
CA GLU A 246 -24.33 -16.61 13.83
C GLU A 246 -25.75 -17.12 14.06
N GLU A 247 -26.60 -17.04 13.03
CA GLU A 247 -27.96 -17.51 13.22
C GLU A 247 -28.62 -18.06 11.96
N GLY A 248 -27.82 -18.39 10.96
CA GLY A 248 -28.36 -18.95 9.72
C GLY A 248 -28.70 -17.91 8.67
N VAL A 249 -29.68 -18.22 7.83
CA VAL A 249 -30.05 -17.28 6.78
C VAL A 249 -31.56 -17.22 6.62
N ILE A 250 -32.02 -16.14 5.99
CA ILE A 250 -33.45 -15.94 5.73
C ILE A 250 -33.59 -15.65 4.25
N ALA A 251 -34.11 -16.61 3.50
CA ALA A 251 -34.28 -16.43 2.07
C ALA A 251 -35.74 -16.17 1.82
N SER A 252 -36.04 -15.69 0.63
CA SER A 252 -37.41 -15.42 0.24
C SER A 252 -37.48 -15.10 -1.24
N ASP A 253 -38.52 -15.59 -1.90
CA ASP A 253 -38.73 -15.30 -3.31
C ASP A 253 -39.94 -14.39 -3.38
N GLY A 254 -40.38 -13.94 -2.20
CA GLY A 254 -41.53 -13.06 -2.11
C GLY A 254 -42.80 -13.81 -1.76
N GLU A 255 -42.93 -15.04 -2.26
CA GLU A 255 -44.09 -15.87 -2.00
C GLU A 255 -44.04 -16.42 -0.57
N GLU A 256 -42.83 -16.64 -0.07
CA GLU A 256 -42.62 -17.18 1.26
C GLU A 256 -41.25 -16.84 1.81
N ILE A 257 -41.16 -16.78 3.14
CA ILE A 257 -39.91 -16.47 3.84
C ILE A 257 -39.42 -17.69 4.59
N ILE A 258 -38.15 -18.03 4.44
CA ILE A 258 -37.58 -19.19 5.11
C ILE A 258 -36.36 -18.88 5.96
N ARG A 259 -36.34 -19.44 7.16
CA ARG A 259 -35.20 -19.31 8.05
C ARG A 259 -34.59 -20.69 7.97
N ILE A 260 -33.36 -20.78 7.47
CA ILE A 260 -32.73 -22.07 7.31
C ILE A 260 -32.58 -22.86 8.61
N PRO A 261 -31.49 -22.68 9.38
CA PRO A 261 -31.60 -23.56 10.56
C PRO A 261 -32.72 -23.08 11.48
N ALA A 262 -33.73 -23.91 11.68
CA ALA A 262 -34.84 -23.53 12.56
C ALA A 262 -34.31 -23.34 13.98
N PHE A 263 -33.25 -24.09 14.32
CA PHE A 263 -32.62 -24.01 15.62
C PHE A 263 -31.35 -23.20 15.49
N SER A 264 -31.38 -21.97 15.99
CA SER A 264 -30.23 -21.07 15.93
C SER A 264 -28.90 -21.74 16.26
N GLU A 265 -28.93 -22.77 17.10
CA GLU A 265 -27.72 -23.47 17.49
C GLU A 265 -27.47 -24.73 16.67
N ASP A 266 -27.92 -24.74 15.41
CA ASP A 266 -27.75 -25.90 14.53
C ASP A 266 -27.52 -25.45 13.09
N GLY A 272 -19.84 -13.74 7.49
CA GLY A 272 -18.74 -14.53 8.03
C GLY A 272 -17.93 -15.15 6.91
N ALA A 273 -18.44 -16.27 6.39
CA ALA A 273 -17.80 -17.01 5.30
C ALA A 273 -18.73 -17.01 4.08
N GLY A 274 -19.16 -15.81 3.70
CA GLY A 274 -20.05 -15.68 2.57
C GLY A 274 -19.52 -16.13 1.23
N ASP A 275 -18.22 -16.00 1.01
CA ASP A 275 -17.64 -16.40 -0.26
C ASP A 275 -17.69 -17.92 -0.41
N ALA A 276 -17.60 -18.62 0.71
CA ALA A 276 -17.67 -20.07 0.69
C ALA A 276 -19.13 -20.44 0.49
N PHE A 277 -19.99 -19.84 1.29
CA PHE A 277 -21.41 -20.13 1.20
C PHE A 277 -21.86 -19.87 -0.22
N TRP A 278 -21.57 -18.67 -0.71
CA TRP A 278 -21.96 -18.29 -2.05
C TRP A 278 -21.45 -19.31 -3.04
N SER A 279 -20.19 -19.72 -2.92
CA SER A 279 -19.65 -20.70 -3.82
C SER A 279 -20.50 -21.95 -3.81
N GLY A 280 -20.78 -22.47 -2.61
CA GLY A 280 -21.60 -23.66 -2.48
C GLY A 280 -22.94 -23.43 -3.16
N PHE A 281 -23.56 -22.29 -2.87
CA PHE A 281 -24.86 -21.95 -3.45
C PHE A 281 -24.77 -21.90 -4.96
N ILE A 282 -23.72 -21.25 -5.47
CA ILE A 282 -23.50 -21.13 -6.91
C ILE A 282 -23.39 -22.54 -7.46
N CYS A 283 -22.52 -23.33 -6.84
CA CYS A 283 -22.28 -24.72 -7.22
C CYS A 283 -23.58 -25.51 -7.24
N GLY A 284 -24.58 -25.03 -6.49
CA GLY A 284 -25.86 -25.70 -6.45
C GLY A 284 -26.53 -25.64 -7.80
N LEU A 285 -25.72 -25.45 -8.84
CA LEU A 285 -26.16 -25.38 -10.24
C LEU A 285 -25.99 -26.80 -10.82
N LEU A 286 -25.37 -27.68 -10.05
CA LEU A 286 -25.18 -29.06 -10.46
C LEU A 286 -26.51 -29.76 -10.35
N ASP A 287 -27.31 -29.33 -9.37
CA ASP A 287 -28.63 -29.90 -9.18
C ASP A 287 -29.65 -28.80 -9.40
N GLY A 288 -30.52 -28.60 -8.42
CA GLY A 288 -31.52 -27.57 -8.56
C GLY A 288 -32.07 -27.12 -7.22
N TYR A 289 -33.21 -26.43 -7.29
CA TYR A 289 -33.88 -25.89 -6.10
C TYR A 289 -32.92 -24.95 -5.40
N THR A 290 -33.44 -23.83 -4.91
CA THR A 290 -32.60 -22.89 -4.19
C THR A 290 -32.25 -23.51 -2.84
N VAL A 291 -32.52 -24.82 -2.73
CA VAL A 291 -32.20 -25.60 -1.56
C VAL A 291 -30.67 -25.60 -1.55
N LYS A 292 -30.13 -25.02 -2.63
CA LYS A 292 -28.70 -24.87 -2.83
C LYS A 292 -28.20 -23.97 -1.71
N ARG A 293 -29.12 -23.21 -1.13
CA ARG A 293 -28.80 -22.33 -0.01
C ARG A 293 -28.32 -23.18 1.16
N SER A 294 -28.81 -24.42 1.23
CA SER A 294 -28.41 -25.35 2.28
C SER A 294 -27.08 -25.98 1.89
N ILE A 295 -26.98 -26.35 0.63
CA ILE A 295 -25.77 -26.97 0.11
C ILE A 295 -24.61 -26.03 0.34
N LYS A 296 -24.88 -24.74 0.15
CA LYS A 296 -23.87 -23.72 0.34
C LYS A 296 -23.48 -23.67 1.80
N LEU A 297 -24.49 -23.74 2.66
CA LEU A 297 -24.33 -23.71 4.10
C LEU A 297 -23.30 -24.74 4.54
N GLY A 298 -23.43 -25.96 4.05
CA GLY A 298 -22.50 -27.00 4.43
C GLY A 298 -21.14 -26.68 3.86
N ASN A 299 -21.13 -25.79 2.89
CA ASN A 299 -19.88 -25.41 2.27
C ASN A 299 -19.10 -24.42 3.10
N GLY A 300 -19.80 -23.73 4.00
CA GLY A 300 -19.17 -22.80 4.92
C GLY A 300 -18.57 -23.73 5.96
N VAL A 301 -17.39 -24.26 5.65
CA VAL A 301 -16.70 -25.11 6.62
C VAL A 301 -15.55 -24.18 6.97
N ALA A 302 -15.90 -23.15 7.74
CA ALA A 302 -14.90 -22.21 8.20
C ALA A 302 -13.81 -23.21 8.50
N ALA A 303 -14.13 -24.07 9.46
CA ALA A 303 -13.34 -25.20 9.97
C ALA A 303 -11.87 -25.51 9.74
N PHE A 304 -11.56 -26.49 8.89
CA PHE A 304 -10.15 -26.81 8.71
C PHE A 304 -9.67 -28.00 7.89
N LYS A 305 -10.52 -28.96 7.58
CA LYS A 305 -10.04 -30.08 6.77
C LYS A 305 -9.22 -29.55 5.61
N ILE A 306 -9.90 -29.09 4.57
CA ILE A 306 -9.23 -28.55 3.39
C ILE A 306 -9.92 -28.90 2.07
N LEU B 22 14.63 24.97 15.80
CA LEU B 22 15.86 25.77 16.08
C LEU B 22 17.15 25.10 15.62
N ASP B 23 17.27 23.78 15.82
CA ASP B 23 18.48 23.05 15.42
C ASP B 23 18.54 22.57 13.99
N VAL B 24 17.73 21.57 13.70
CA VAL B 24 17.71 21.00 12.36
C VAL B 24 16.32 20.90 11.74
N VAL B 25 16.28 21.11 10.43
CA VAL B 25 15.06 21.01 9.67
C VAL B 25 15.37 19.97 8.61
N SER B 26 14.63 18.87 8.66
CA SER B 26 14.81 17.79 7.72
C SER B 26 13.59 17.72 6.80
N LEU B 27 13.84 17.76 5.51
CA LEU B 27 12.75 17.72 4.55
C LEU B 27 12.89 16.53 3.64
N GLY B 28 11.79 15.80 3.48
CA GLY B 28 11.82 14.65 2.61
C GLY B 28 10.62 13.76 2.87
N GLU B 29 10.81 12.48 2.60
CA GLU B 29 9.76 11.50 2.76
C GLU B 29 9.66 10.93 4.17
N ILE B 30 8.45 10.51 4.52
CA ILE B 30 8.11 9.88 5.81
C ILE B 30 7.23 8.76 5.29
N LEU B 31 7.44 7.54 5.75
CA LEU B 31 6.64 6.45 5.23
C LEU B 31 6.81 5.28 6.15
N VAL B 32 5.99 4.26 5.94
CA VAL B 32 6.11 3.05 6.74
C VAL B 32 6.77 2.00 5.86
N ASP B 33 7.70 1.27 6.47
CA ASP B 33 8.42 0.20 5.80
C ASP B 33 7.80 -1.13 6.20
N MSE B 34 7.47 -1.94 5.20
CA MSE B 34 6.90 -3.28 5.41
C MSE B 34 8.02 -4.22 5.06
O MSE B 34 8.26 -4.49 3.89
CB MSE B 34 5.71 -3.50 4.48
CG MSE B 34 4.45 -2.78 4.89
SE MSE B 34 3.61 -3.64 6.41
CE MSE B 34 2.35 -2.25 6.85
N ILE B 35 8.72 -4.73 6.07
CA ILE B 35 9.86 -5.60 5.84
C ILE B 35 9.60 -7.09 5.99
N SER B 36 10.26 -7.87 5.14
CA SER B 36 10.15 -9.31 5.13
C SER B 36 11.55 -9.91 5.08
N THR B 37 11.97 -10.53 6.17
CA THR B 37 13.32 -11.11 6.26
C THR B 37 13.46 -12.47 5.58
N GLU B 38 12.32 -13.11 5.30
CA GLU B 38 12.32 -14.40 4.65
C GLU B 38 13.33 -14.43 3.48
N GLU B 39 14.11 -15.50 3.41
CA GLU B 39 15.11 -15.65 2.36
C GLU B 39 14.46 -16.23 1.13
N VAL B 40 13.96 -15.37 0.26
CA VAL B 40 13.30 -15.81 -0.95
C VAL B 40 13.94 -15.22 -2.21
N ASN B 41 13.47 -15.70 -3.37
CA ASN B 41 14.00 -15.21 -4.63
C ASN B 41 13.46 -13.84 -4.94
N SER B 42 12.13 -13.72 -4.85
CA SER B 42 11.44 -12.46 -5.12
C SER B 42 10.64 -12.02 -3.91
N LEU B 43 10.15 -10.79 -3.96
CA LEU B 43 9.36 -10.23 -2.88
C LEU B 43 7.97 -10.86 -3.01
N SER B 44 7.71 -11.42 -4.18
CA SER B 44 6.43 -12.09 -4.44
C SER B 44 6.33 -13.37 -3.62
N GLN B 45 7.45 -13.77 -3.02
CA GLN B 45 7.50 -14.97 -2.20
C GLN B 45 7.39 -14.65 -0.71
N SER B 46 7.60 -13.38 -0.35
CA SER B 46 7.53 -12.91 1.03
C SER B 46 6.09 -12.96 1.55
N ARG B 47 5.91 -13.67 2.65
CA ARG B 47 4.59 -13.86 3.25
C ARG B 47 4.42 -13.16 4.60
N GLU B 48 5.53 -12.90 5.29
CA GLU B 48 5.50 -12.24 6.60
C GLU B 48 6.12 -10.85 6.50
N TYR B 49 5.39 -9.87 7.01
CA TYR B 49 5.85 -8.48 6.99
C TYR B 49 5.64 -7.78 8.33
N THR B 50 6.69 -7.07 8.76
CA THR B 50 6.65 -6.32 10.00
C THR B 50 6.62 -4.85 9.62
N ARG B 51 5.71 -4.11 10.23
CA ARG B 51 5.53 -2.68 9.95
C ARG B 51 6.47 -1.77 10.74
N HIS B 52 7.33 -1.05 10.02
CA HIS B 52 8.30 -0.14 10.63
C HIS B 52 8.15 1.32 10.26
N PHE B 53 8.64 2.18 11.15
CA PHE B 53 8.62 3.62 10.93
C PHE B 53 9.81 3.86 9.99
N GLY B 54 9.58 4.54 8.87
CA GLY B 54 10.66 4.75 7.93
C GLY B 54 10.78 6.13 7.31
N GLY B 55 11.60 6.22 6.28
CA GLY B 55 11.82 7.49 5.62
C GLY B 55 13.14 8.01 6.15
N SER B 56 14.16 8.05 5.32
CA SER B 56 15.45 8.53 5.78
C SER B 56 15.42 9.87 6.49
N PRO B 57 14.85 10.90 5.86
CA PRO B 57 14.82 12.21 6.51
C PRO B 57 14.14 12.12 7.87
N ALA B 58 13.22 11.15 7.98
CA ALA B 58 12.48 10.92 9.20
C ALA B 58 13.34 10.18 10.24
N ASN B 59 14.13 9.22 9.78
CA ASN B 59 14.99 8.47 10.69
C ASN B 59 16.08 9.39 11.23
N ILE B 60 16.56 10.30 10.39
CA ILE B 60 17.59 11.23 10.81
C ILE B 60 17.01 12.13 11.89
N ALA B 61 15.77 12.61 11.67
CA ALA B 61 15.10 13.47 12.64
C ALA B 61 15.04 12.77 14.01
N VAL B 62 14.46 11.58 14.03
CA VAL B 62 14.30 10.80 15.25
C VAL B 62 15.62 10.66 15.98
N ASN B 63 16.68 10.34 15.24
CA ASN B 63 18.00 10.18 15.83
C ASN B 63 18.50 11.48 16.45
N LEU B 64 18.54 12.54 15.64
CA LEU B 64 18.96 13.84 16.14
C LEU B 64 18.20 14.13 17.44
N SER B 65 16.91 13.81 17.45
CA SER B 65 16.09 14.04 18.62
C SER B 65 16.57 13.24 19.81
N ARG B 66 16.92 11.98 19.56
CA ARG B 66 17.40 11.09 20.60
C ARG B 66 18.83 11.51 21.04
N LEU B 67 19.56 12.20 20.17
CA LEU B 67 20.90 12.69 20.52
C LEU B 67 20.67 14.02 21.18
N GLY B 68 19.38 14.32 21.38
CA GLY B 68 18.93 15.54 22.04
C GLY B 68 19.11 16.88 21.31
N LYS B 69 18.61 16.98 20.09
CA LYS B 69 18.68 18.22 19.33
C LYS B 69 17.27 18.56 18.82
N LYS B 70 16.96 19.84 18.69
CA LYS B 70 15.64 20.26 18.23
C LYS B 70 15.49 20.14 16.72
N VAL B 71 14.73 19.14 16.29
CA VAL B 71 14.54 18.90 14.88
C VAL B 71 13.10 19.09 14.45
N ALA B 72 12.94 19.34 13.14
CA ALA B 72 11.63 19.53 12.55
C ALA B 72 11.63 18.80 11.24
N LEU B 73 10.78 17.78 11.15
CA LEU B 73 10.68 16.98 9.93
C LEU B 73 9.58 17.54 9.01
N ILE B 74 9.93 17.90 7.79
CA ILE B 74 8.95 18.41 6.84
C ILE B 74 8.53 17.27 5.91
N SER B 75 7.34 16.71 6.15
CA SER B 75 6.87 15.62 5.30
C SER B 75 5.36 15.63 5.14
N ARG B 76 4.88 14.74 4.29
CA ARG B 76 3.46 14.62 4.03
C ARG B 76 3.07 13.16 4.14
N LEU B 77 2.11 12.89 5.01
CA LEU B 77 1.59 11.55 5.21
C LEU B 77 0.09 11.65 5.13
N GLY B 78 -0.58 10.52 4.89
CA GLY B 78 -2.03 10.52 4.78
C GLY B 78 -2.71 10.63 6.13
N ALA B 79 -4.03 10.70 6.09
CA ALA B 79 -4.83 10.80 7.31
C ALA B 79 -5.40 9.40 7.55
N ASP B 80 -4.54 8.47 7.94
CA ASP B 80 -4.97 7.11 8.18
C ASP B 80 -4.14 6.41 9.23
N ALA B 81 -4.46 5.15 9.48
CA ALA B 81 -3.80 4.34 10.49
C ALA B 81 -2.29 4.55 10.49
N PHE B 82 -1.68 4.38 9.33
CA PHE B 82 -0.24 4.53 9.19
C PHE B 82 0.23 5.95 9.44
N GLY B 83 -0.47 6.92 8.87
CA GLY B 83 -0.09 8.31 9.08
C GLY B 83 -0.13 8.59 10.58
N ASN B 84 -1.24 8.20 11.22
CA ASN B 84 -1.40 8.38 12.65
C ASN B 84 -0.27 7.67 13.39
N TYR B 85 -0.01 6.43 13.03
CA TYR B 85 1.08 5.68 13.66
C TYR B 85 2.38 6.48 13.58
N LEU B 86 2.73 6.90 12.37
CA LEU B 86 3.93 7.68 12.14
C LEU B 86 3.97 8.91 13.05
N LEU B 87 2.89 9.66 13.08
CA LEU B 87 2.79 10.87 13.91
C LEU B 87 3.03 10.57 15.38
N ASP B 88 2.41 9.50 15.87
CA ASP B 88 2.56 9.08 17.26
C ASP B 88 4.03 8.90 17.64
N VAL B 89 4.80 8.23 16.79
CA VAL B 89 6.21 8.02 17.07
C VAL B 89 6.95 9.33 16.87
N LEU B 90 6.44 10.20 16.00
CA LEU B 90 7.07 11.49 15.77
C LEU B 90 6.88 12.33 17.01
N LYS B 91 5.68 12.26 17.58
CA LYS B 91 5.37 13.01 18.79
C LYS B 91 6.04 12.41 20.03
N GLY B 92 6.10 11.08 20.08
CA GLY B 92 6.72 10.44 21.22
C GLY B 92 8.23 10.64 21.23
N GLU B 93 8.78 11.03 20.10
CA GLU B 93 10.22 11.23 20.00
C GLU B 93 10.52 12.71 20.15
N GLN B 94 9.48 13.47 20.41
CA GLN B 94 9.59 14.90 20.60
C GLN B 94 10.16 15.59 19.36
N ILE B 95 9.71 15.14 18.21
CA ILE B 95 10.16 15.77 16.98
C ILE B 95 9.14 16.89 16.76
N ILE B 96 9.61 18.08 16.42
CA ILE B 96 8.69 19.17 16.19
C ILE B 96 7.96 18.78 14.94
N THR B 97 6.63 18.83 14.97
CA THR B 97 5.82 18.42 13.81
C THR B 97 4.89 19.46 13.21
N ASP B 98 5.31 20.71 13.22
CA ASP B 98 4.50 21.78 12.65
C ASP B 98 4.44 21.71 11.13
N GLY B 99 5.59 21.45 10.51
CA GLY B 99 5.65 21.37 9.06
C GLY B 99 5.17 20.04 8.50
N ILE B 100 4.58 19.20 9.33
CA ILE B 100 4.09 17.91 8.88
C ILE B 100 2.69 18.13 8.34
N GLN B 101 2.44 17.59 7.15
CA GLN B 101 1.16 17.70 6.48
C GLN B 101 0.37 16.39 6.47
N GLN B 102 -0.92 16.45 6.81
CA GLN B 102 -1.77 15.27 6.79
C GLN B 102 -2.64 15.33 5.54
N ASP B 103 -2.41 14.45 4.57
CA ASP B 103 -3.22 14.48 3.37
C ASP B 103 -4.57 13.88 3.67
N LYS B 104 -5.60 14.71 3.57
CA LYS B 104 -6.97 14.29 3.87
C LYS B 104 -7.53 13.28 2.87
N GLU B 105 -6.88 13.13 1.71
CA GLU B 105 -7.38 12.20 0.71
C GLU B 105 -6.40 11.11 0.26
N ARG B 106 -5.10 11.39 0.23
CA ARG B 106 -4.15 10.39 -0.20
C ARG B 106 -3.67 9.48 0.93
N ARG B 107 -3.19 8.29 0.57
CA ARG B 107 -2.71 7.33 1.54
C ARG B 107 -1.27 7.60 1.91
N THR B 108 -0.90 7.17 3.11
CA THR B 108 0.47 7.32 3.59
C THR B 108 1.33 6.45 2.68
N THR B 109 2.46 6.98 2.22
CA THR B 109 3.35 6.22 1.37
C THR B 109 3.86 4.99 2.11
N ILE B 110 4.06 3.92 1.36
CA ILE B 110 4.54 2.66 1.93
C ILE B 110 5.51 1.99 0.99
N VAL B 111 6.61 1.49 1.53
CA VAL B 111 7.58 0.78 0.70
C VAL B 111 7.68 -0.63 1.25
N TYR B 112 7.64 -1.60 0.35
CA TYR B 112 7.79 -3.00 0.70
C TYR B 112 9.24 -3.35 0.45
N VAL B 113 9.84 -4.06 1.39
CA VAL B 113 11.25 -4.41 1.31
C VAL B 113 11.55 -5.84 1.69
N SER B 114 12.64 -6.37 1.18
CA SER B 114 12.98 -7.75 1.49
C SER B 114 14.13 -8.02 2.45
N LYS B 115 15.32 -7.53 2.15
CA LYS B 115 16.45 -7.80 3.04
C LYS B 115 16.89 -9.21 2.67
N SER B 116 15.94 -9.96 2.13
CA SER B 116 16.14 -11.33 1.73
C SER B 116 17.39 -11.77 1.00
N THR B 117 17.24 -12.98 0.47
CA THR B 117 18.26 -13.72 -0.25
C THR B 117 19.59 -13.09 -0.59
N ARG B 118 19.89 -13.22 -1.87
CA ARG B 118 21.05 -12.66 -2.50
C ARG B 118 20.26 -12.07 -3.64
N THR B 119 18.95 -12.05 -3.40
CA THR B 119 17.99 -11.50 -4.33
C THR B 119 17.05 -10.54 -3.62
N PRO B 120 17.48 -9.30 -3.34
CA PRO B 120 16.71 -8.24 -2.66
C PRO B 120 15.70 -7.58 -3.61
N ASP B 121 14.89 -6.62 -3.12
CA ASP B 121 13.82 -6.11 -3.97
C ASP B 121 12.98 -5.17 -3.11
N TRP B 122 12.51 -4.08 -3.67
CA TRP B 122 11.64 -3.22 -2.90
C TRP B 122 10.54 -2.74 -3.79
N LEU B 123 9.37 -2.53 -3.20
CA LEU B 123 8.24 -2.06 -3.98
C LEU B 123 7.69 -0.81 -3.32
N PRO B 124 7.68 0.33 -4.05
CA PRO B 124 7.16 1.58 -3.49
C PRO B 124 5.69 1.82 -3.81
N TYR B 125 4.93 2.24 -2.81
CA TYR B 125 3.52 2.59 -3.00
C TYR B 125 3.53 4.03 -2.55
N ARG B 126 4.03 4.90 -3.41
CA ARG B 126 4.09 6.30 -3.06
C ARG B 126 2.74 6.95 -3.26
N GLU B 127 2.45 7.91 -2.41
CA GLU B 127 1.20 8.66 -2.41
C GLU B 127 1.48 9.99 -1.74
N ALA B 128 0.97 10.16 -0.52
CA ALA B 128 1.16 11.39 0.23
C ALA B 128 2.55 12.02 0.16
N ASP B 129 3.61 11.24 0.45
CA ASP B 129 4.96 11.77 0.48
C ASP B 129 5.33 12.65 -0.70
N MSE B 130 4.87 12.30 -1.89
CA MSE B 130 5.21 13.09 -3.07
C MSE B 130 4.31 14.29 -3.34
O MSE B 130 4.50 14.98 -4.32
CB MSE B 130 5.25 12.20 -4.33
CG MSE B 130 4.01 11.35 -4.59
SE MSE B 130 4.09 10.35 -6.30
CE MSE B 130 3.62 11.81 -7.49
N TYR B 131 3.38 14.57 -2.43
CA TYR B 131 2.47 15.69 -2.59
C TYR B 131 2.69 16.83 -1.61
N LEU B 132 3.91 16.90 -1.10
CA LEU B 132 4.33 17.93 -0.14
C LEU B 132 4.06 19.32 -0.72
N GLN B 133 3.49 20.21 0.10
CA GLN B 133 3.16 21.58 -0.36
C GLN B 133 4.17 22.62 0.11
N GLU B 134 3.86 23.89 -0.14
CA GLU B 134 4.74 25.00 0.25
C GLU B 134 4.10 25.84 1.36
N ASP B 135 4.45 25.53 2.62
CA ASP B 135 3.88 26.21 3.78
C ASP B 135 4.86 26.90 4.76
N ASP B 136 5.62 26.11 5.53
CA ASP B 136 6.57 26.66 6.52
C ASP B 136 8.02 26.77 6.08
N ILE B 137 8.34 27.93 5.53
CA ILE B 137 9.68 28.21 5.07
C ILE B 137 10.28 29.01 6.24
N ILE B 138 9.42 29.26 7.23
CA ILE B 138 9.86 29.96 8.41
C ILE B 138 10.68 29.01 9.26
N PHE B 139 10.38 27.72 9.16
CA PHE B 139 11.11 26.70 9.90
C PHE B 139 12.60 26.79 9.68
N GLU B 140 13.00 27.11 8.46
CA GLU B 140 14.42 27.22 8.11
C GLU B 140 15.13 28.26 8.94
N LEU B 141 14.71 29.50 8.76
CA LEU B 141 15.28 30.64 9.45
C LEU B 141 15.47 30.31 10.93
N ILE B 142 14.45 29.75 11.56
CA ILE B 142 14.55 29.41 12.97
C ILE B 142 15.63 28.35 13.19
N LYS B 143 15.85 27.51 12.18
CA LYS B 143 16.86 26.45 12.26
C LYS B 143 18.24 27.03 12.00
N LYS B 146 21.48 25.45 13.09
CA LYS B 146 20.85 25.86 11.84
C LYS B 146 21.24 24.98 10.66
N VAL B 147 20.78 23.73 10.68
CA VAL B 147 21.09 22.82 9.60
C VAL B 147 19.85 22.39 8.86
N PHE B 148 19.94 22.36 7.53
CA PHE B 148 18.85 21.94 6.68
C PHE B 148 19.32 20.71 5.92
N HIS B 149 18.59 19.60 6.06
CA HIS B 149 18.95 18.36 5.40
C HIS B 149 17.90 17.96 4.38
N LEU B 150 18.36 17.52 3.22
CA LEU B 150 17.47 17.14 2.10
C LEU B 150 17.85 15.75 1.56
N SER B 151 16.86 15.05 0.99
CA SER B 151 17.11 13.74 0.42
C SER B 151 16.81 13.77 -1.07
N THR B 152 17.21 12.72 -1.78
CA THR B 152 16.97 12.66 -3.20
C THR B 152 15.60 12.09 -3.51
N PHE B 153 15.22 11.08 -2.74
CA PHE B 153 13.93 10.41 -2.88
C PHE B 153 12.84 11.44 -3.10
N ILE B 154 12.75 12.41 -2.20
CA ILE B 154 11.74 13.46 -2.27
C ILE B 154 11.77 14.26 -3.58
N LEU B 155 12.93 14.28 -4.23
CA LEU B 155 13.10 15.02 -5.48
C LEU B 155 12.61 14.27 -6.71
N SER B 156 12.55 12.94 -6.64
CA SER B 156 12.17 12.12 -7.78
C SER B 156 10.84 12.43 -8.42
N ARG B 157 9.83 12.66 -7.60
CA ARG B 157 8.54 12.90 -8.16
C ARG B 157 7.98 14.31 -8.15
N LYS B 158 7.53 14.67 -9.33
CA LYS B 158 6.94 15.94 -9.75
C LYS B 158 6.35 16.99 -8.81
N PRO B 159 5.34 16.64 -7.99
CA PRO B 159 4.83 17.73 -7.13
C PRO B 159 5.74 18.12 -5.95
N ALA B 160 6.04 17.17 -5.07
CA ALA B 160 6.87 17.40 -3.91
C ALA B 160 8.26 17.87 -4.29
N ARG B 161 8.74 17.41 -5.43
CA ARG B 161 10.06 17.79 -5.87
C ARG B 161 10.27 19.29 -5.89
N ASP B 162 9.26 20.02 -6.34
CA ASP B 162 9.32 21.47 -6.44
C ASP B 162 9.38 22.19 -5.13
N THR B 163 8.58 21.75 -4.18
CA THR B 163 8.59 22.36 -2.88
C THR B 163 9.89 22.03 -2.14
N ALA B 164 10.53 20.92 -2.52
CA ALA B 164 11.79 20.51 -1.91
C ALA B 164 12.94 21.44 -2.32
N ILE B 165 13.15 21.62 -3.63
CA ILE B 165 14.23 22.49 -4.06
C ILE B 165 13.95 23.96 -3.70
N LYS B 166 12.68 24.34 -3.72
CA LYS B 166 12.32 25.71 -3.36
C LYS B 166 12.80 25.93 -1.93
N ALA B 167 12.67 24.89 -1.11
CA ALA B 167 13.09 24.94 0.30
C ALA B 167 14.61 24.86 0.31
N PHE B 168 15.16 24.09 -0.63
CA PHE B 168 16.60 23.95 -0.71
C PHE B 168 17.21 25.32 -0.95
N ASN B 169 16.74 25.99 -2.00
CA ASN B 169 17.27 27.30 -2.33
C ASN B 169 17.00 28.34 -1.23
N TYR B 170 15.88 28.21 -0.54
CA TYR B 170 15.59 29.14 0.55
C TYR B 170 16.62 28.99 1.66
N ALA B 171 16.87 27.75 2.06
CA ALA B 171 17.82 27.47 3.10
C ALA B 171 19.18 28.07 2.74
N ARG B 172 19.55 28.01 1.46
CA ARG B 172 20.82 28.58 1.06
C ARG B 172 20.74 30.10 1.21
N GLU B 173 19.71 30.70 0.64
CA GLU B 173 19.54 32.14 0.72
C GLU B 173 19.70 32.59 2.17
N GLN B 174 19.13 31.83 3.10
CA GLN B 174 19.21 32.17 4.51
C GLN B 174 20.56 31.86 5.14
N GLY B 175 21.50 31.40 4.33
CA GLY B 175 22.82 31.10 4.85
C GLY B 175 22.83 29.93 5.81
N LYS B 176 22.06 28.89 5.50
CA LYS B 176 22.02 27.73 6.37
C LYS B 176 22.98 26.67 5.84
N ILE B 177 23.37 25.75 6.72
CA ILE B 177 24.25 24.65 6.33
C ILE B 177 23.34 23.65 5.62
N VAL B 178 23.63 23.35 4.36
CA VAL B 178 22.79 22.44 3.62
C VAL B 178 23.40 21.05 3.43
N CYS B 179 22.68 20.03 3.90
CA CYS B 179 23.13 18.65 3.78
C CYS B 179 22.22 17.90 2.84
N PHE B 180 22.81 17.34 1.79
CA PHE B 180 22.06 16.59 0.81
C PHE B 180 22.57 15.16 0.68
N ASP B 181 21.64 14.23 0.56
CA ASP B 181 22.00 12.82 0.40
C ASP B 181 21.69 12.45 -1.05
N PRO B 182 22.73 12.38 -1.91
CA PRO B 182 22.57 12.04 -3.31
C PRO B 182 22.25 10.58 -3.57
N CYS B 183 21.20 10.08 -2.95
CA CYS B 183 20.79 8.70 -3.12
C CYS B 183 19.92 8.62 -4.37
N TYR B 184 20.52 8.96 -5.50
CA TYR B 184 19.84 8.95 -6.80
C TYR B 184 19.63 7.53 -7.34
N ARG B 185 18.39 7.19 -7.69
CA ARG B 185 18.06 5.89 -8.23
C ARG B 185 16.95 6.09 -9.26
N LYS B 186 17.32 5.96 -10.54
CA LYS B 186 16.43 6.15 -11.69
C LYS B 186 14.99 5.63 -11.63
N VAL B 187 14.79 4.44 -11.10
CA VAL B 187 13.43 3.90 -11.03
C VAL B 187 12.42 4.86 -10.40
N LEU B 188 12.86 5.62 -9.41
CA LEU B 188 11.97 6.56 -8.74
C LEU B 188 11.60 7.74 -9.60
N TRP B 189 12.25 7.87 -10.75
CA TRP B 189 12.01 9.00 -11.66
C TRP B 189 11.23 8.73 -12.93
N PRO B 190 10.43 9.71 -13.37
CA PRO B 190 9.64 9.60 -14.59
C PRO B 190 10.56 9.45 -15.80
N GLU B 191 10.09 8.69 -16.79
CA GLU B 191 10.86 8.42 -17.99
C GLU B 191 11.42 9.65 -18.67
N GLY B 192 10.66 10.73 -18.69
CA GLY B 192 11.11 11.95 -19.35
C GLY B 192 12.14 12.81 -18.63
N ASP B 193 11.95 13.01 -17.34
CA ASP B 193 12.85 13.84 -16.55
C ASP B 193 14.30 13.38 -16.57
N ASP B 194 15.21 14.32 -16.34
CA ASP B 194 16.65 14.05 -16.34
C ASP B 194 17.03 13.18 -15.13
N GLY B 195 16.78 13.69 -13.93
CA GLY B 195 17.11 12.93 -12.74
C GLY B 195 18.52 13.22 -12.28
N ALA B 196 19.49 12.70 -13.03
CA ALA B 196 20.90 12.88 -12.71
C ALA B 196 21.29 14.35 -12.66
N GLY B 197 20.83 15.12 -13.64
CA GLY B 197 21.14 16.54 -13.65
C GLY B 197 20.53 17.29 -12.47
N VAL B 198 19.35 16.88 -12.06
CA VAL B 198 18.70 17.51 -10.93
C VAL B 198 19.52 17.24 -9.68
N VAL B 199 19.86 15.98 -9.47
CA VAL B 199 20.66 15.58 -8.30
C VAL B 199 21.98 16.35 -8.31
N GLU B 200 22.56 16.48 -9.51
CA GLU B 200 23.80 17.22 -9.68
C GLU B 200 23.60 18.71 -9.46
N GLU B 201 22.57 19.28 -10.07
CA GLU B 201 22.31 20.70 -9.92
C GLU B 201 22.28 21.10 -8.46
N ILE B 202 22.02 20.13 -7.59
CA ILE B 202 21.94 20.37 -6.15
C ILE B 202 23.23 20.03 -5.41
N ILE B 203 23.88 18.93 -5.79
CA ILE B 203 25.15 18.55 -5.17
C ILE B 203 26.03 19.78 -5.27
N SER B 204 26.03 20.38 -6.45
CA SER B 204 26.83 21.55 -6.74
C SER B 204 26.53 22.73 -5.82
N ARG B 205 25.29 22.83 -5.34
CA ARG B 205 24.96 23.95 -4.49
C ARG B 205 24.94 23.62 -3.00
N ALA B 206 25.27 22.37 -2.66
CA ALA B 206 25.27 21.93 -1.26
C ALA B 206 26.62 22.10 -0.54
N ASP B 207 26.59 21.92 0.78
CA ASP B 207 27.80 22.03 1.58
C ASP B 207 28.41 20.66 1.79
N PHE B 208 27.58 19.71 2.19
CA PHE B 208 28.05 18.36 2.43
C PHE B 208 27.15 17.34 1.74
N VAL B 209 27.73 16.21 1.36
CA VAL B 209 26.96 15.16 0.74
C VAL B 209 27.47 13.85 1.26
N LYS B 210 26.62 12.82 1.21
CA LYS B 210 26.97 11.53 1.72
C LYS B 210 26.74 10.45 0.68
N PRO B 211 27.42 10.54 -0.47
CA PRO B 211 27.16 9.46 -1.42
C PRO B 211 27.75 8.15 -0.91
N SER B 212 27.23 7.03 -1.39
CA SER B 212 27.77 5.74 -1.01
C SER B 212 28.31 5.24 -2.32
N LEU B 213 29.02 4.12 -2.31
CA LEU B 213 29.57 3.60 -3.56
C LEU B 213 28.48 3.30 -4.56
N ASP B 214 27.33 2.87 -4.06
CA ASP B 214 26.20 2.56 -4.93
C ASP B 214 25.63 3.86 -5.47
N ASP B 215 25.39 4.81 -4.58
CA ASP B 215 24.87 6.10 -4.98
C ASP B 215 25.80 6.71 -6.02
N ALA B 216 27.06 6.33 -5.97
CA ALA B 216 28.07 6.84 -6.89
C ALA B 216 28.04 6.13 -8.22
N ARG B 217 27.96 4.80 -8.19
CA ARG B 217 27.92 4.00 -9.41
C ARG B 217 26.70 4.37 -10.23
N HIS B 218 25.61 4.68 -9.54
CA HIS B 218 24.36 5.05 -10.18
C HIS B 218 24.37 6.41 -10.86
N LEU B 219 25.14 7.34 -10.32
CA LEU B 219 25.20 8.67 -10.90
C LEU B 219 26.38 8.88 -11.84
N PHE B 220 27.48 8.22 -11.53
CA PHE B 220 28.72 8.36 -12.30
C PHE B 220 29.15 7.08 -13.01
N GLY B 221 28.30 6.07 -13.02
CA GLY B 221 28.71 4.84 -13.65
C GLY B 221 29.91 4.32 -12.87
N PRO B 222 30.53 3.23 -13.34
CA PRO B 222 31.70 2.65 -12.67
C PRO B 222 32.98 3.45 -12.84
N ASP B 223 32.95 4.39 -13.77
CA ASP B 223 34.10 5.24 -14.07
C ASP B 223 34.79 5.87 -12.87
N SER B 224 35.28 5.02 -11.96
CA SER B 224 35.96 5.49 -10.78
C SER B 224 35.71 4.53 -9.63
N PRO B 225 36.75 4.21 -8.84
CA PRO B 225 36.61 3.30 -7.71
C PRO B 225 36.61 4.10 -6.39
N GLU B 226 37.10 5.33 -6.47
CA GLU B 226 37.19 6.22 -5.33
C GLU B 226 37.35 7.60 -5.93
N ASN B 227 37.71 7.64 -7.20
CA ASN B 227 37.89 8.90 -7.92
C ASN B 227 36.52 9.54 -8.04
N TYR B 228 35.49 8.79 -7.64
CA TYR B 228 34.13 9.29 -7.65
C TYR B 228 34.20 10.66 -6.98
N VAL B 229 34.94 10.71 -5.87
CA VAL B 229 35.13 11.93 -5.09
C VAL B 229 35.57 13.12 -5.94
N LYS B 230 35.87 12.86 -7.21
CA LYS B 230 36.26 13.91 -8.13
C LYS B 230 35.06 14.81 -8.37
N ARG B 231 33.92 14.36 -7.84
CA ARG B 231 32.66 15.08 -7.91
C ARG B 231 32.75 16.36 -7.08
N TYR B 232 33.89 16.56 -6.42
CA TYR B 232 34.09 17.77 -5.64
C TYR B 232 34.12 18.80 -6.75
N LEU B 233 34.50 18.31 -7.92
CA LEU B 233 34.57 19.14 -9.09
C LEU B 233 33.19 19.09 -9.70
N GLU B 234 32.42 18.11 -9.25
CA GLU B 234 31.06 17.96 -9.74
C GLU B 234 30.26 19.12 -9.20
N LEU B 235 30.95 20.24 -8.96
CA LEU B 235 30.32 21.43 -8.43
C LEU B 235 30.14 21.24 -6.94
N GLY B 236 29.98 19.99 -6.54
CA GLY B 236 29.77 19.61 -5.14
C GLY B 236 30.17 20.56 -4.04
N VAL B 237 31.11 21.45 -4.35
CA VAL B 237 31.63 22.43 -3.39
C VAL B 237 31.74 21.84 -1.99
N LYS B 238 31.67 22.69 -0.98
CA LYS B 238 31.78 22.20 0.38
C LYS B 238 32.73 21.02 0.43
N ALA B 239 32.23 19.90 0.93
CA ALA B 239 33.02 18.70 1.04
C ALA B 239 32.07 17.56 0.92
N VAL B 240 32.62 16.39 0.63
CA VAL B 240 31.83 15.19 0.48
C VAL B 240 32.47 14.02 1.22
N ILE B 241 31.66 13.27 1.95
CA ILE B 241 32.14 12.09 2.64
C ILE B 241 31.53 10.89 1.92
N LEU B 242 32.38 10.05 1.33
CA LEU B 242 31.93 8.88 0.59
C LEU B 242 32.01 7.61 1.41
N THR B 243 30.86 7.08 1.80
CA THR B 243 30.84 5.86 2.59
C THR B 243 31.15 4.66 1.72
N LEU B 244 32.00 3.78 2.23
CA LEU B 244 32.42 2.60 1.50
C LEU B 244 31.88 1.36 2.19
N GLY B 245 30.72 1.51 2.82
CA GLY B 245 30.15 0.38 3.51
C GLY B 245 31.09 -0.25 4.53
N GLU B 246 31.44 -1.51 4.31
CA GLU B 246 32.31 -2.24 5.21
C GLU B 246 33.78 -1.82 5.15
N GLU B 247 34.07 -0.56 4.89
CA GLU B 247 35.46 -0.14 4.84
C GLU B 247 35.72 1.30 5.27
N GLY B 248 34.74 1.90 5.94
CA GLY B 248 34.89 3.27 6.41
C GLY B 248 34.37 4.32 5.45
N VAL B 249 35.01 5.49 5.47
CA VAL B 249 34.59 6.57 4.59
C VAL B 249 35.79 7.32 4.03
N ILE B 250 35.55 8.03 2.93
CA ILE B 250 36.58 8.85 2.29
C ILE B 250 36.00 10.24 2.11
N ALA B 251 36.46 11.17 2.93
CA ALA B 251 35.99 12.54 2.84
C ALA B 251 37.04 13.36 2.13
N SER B 252 36.65 14.55 1.68
CA SER B 252 37.57 15.43 1.00
C SER B 252 36.93 16.79 0.81
N ASP B 253 37.71 17.85 0.99
CA ASP B 253 37.22 19.21 0.80
C ASP B 253 37.90 19.72 -0.45
N GLY B 254 38.60 18.81 -1.12
CA GLY B 254 39.29 19.14 -2.35
C GLY B 254 40.77 19.38 -2.14
N GLU B 255 41.12 19.95 -0.98
CA GLU B 255 42.50 20.23 -0.63
C GLU B 255 43.22 18.94 -0.23
N GLU B 256 42.46 18.00 0.33
CA GLU B 256 43.02 16.72 0.77
C GLU B 256 41.95 15.64 0.87
N ILE B 257 42.36 14.39 0.71
CA ILE B 257 41.46 13.25 0.77
C ILE B 257 41.79 12.42 2.01
N ILE B 258 40.77 12.06 2.77
CA ILE B 258 40.98 11.26 3.97
C ILE B 258 40.17 9.97 4.02
N ARG B 259 40.83 8.89 4.43
CA ARG B 259 40.17 7.61 4.60
C ARG B 259 40.10 7.49 6.11
N ILE B 260 38.90 7.48 6.66
CA ILE B 260 38.76 7.41 8.10
C ILE B 260 39.44 6.19 8.75
N PRO B 261 38.74 5.04 8.91
CA PRO B 261 39.62 4.05 9.55
C PRO B 261 40.77 3.65 8.61
N ALA B 262 42.00 3.91 9.05
CA ALA B 262 43.16 3.56 8.24
C ALA B 262 43.19 2.03 8.07
N PHE B 263 42.71 1.34 9.10
CA PHE B 263 42.66 -0.12 9.11
C PHE B 263 41.23 -0.56 8.80
N SER B 264 41.03 -1.06 7.58
CA SER B 264 39.73 -1.52 7.13
C SER B 264 38.97 -2.31 8.18
N GLU B 265 39.69 -3.02 9.04
CA GLU B 265 39.05 -3.83 10.06
C GLU B 265 38.97 -3.13 11.43
N ASP B 266 38.86 -1.80 11.42
CA ASP B 266 38.76 -1.04 12.67
C ASP B 266 37.85 0.18 12.47
N GLY B 272 24.98 1.62 4.68
CA GLY B 272 24.52 0.71 5.72
C GLY B 272 23.63 1.41 6.72
N ALA B 273 24.26 2.14 7.66
CA ALA B 273 23.55 2.89 8.69
C ALA B 273 23.84 4.36 8.48
N GLY B 274 23.63 4.83 7.26
CA GLY B 274 23.89 6.22 6.96
C GLY B 274 23.07 7.26 7.69
N ASP B 275 21.82 6.93 8.02
CA ASP B 275 20.98 7.89 8.73
C ASP B 275 21.50 8.12 10.15
N ALA B 276 22.11 7.09 10.73
CA ALA B 276 22.67 7.21 12.07
C ALA B 276 23.97 8.00 11.93
N PHE B 277 24.80 7.58 10.99
CA PHE B 277 26.06 8.26 10.79
C PHE B 277 25.78 9.72 10.53
N TRP B 278 24.89 10.00 9.58
CA TRP B 278 24.59 11.37 9.22
C TRP B 278 24.11 12.14 10.44
N SER B 279 23.24 11.55 11.23
CA SER B 279 22.75 12.21 12.43
C SER B 279 23.95 12.58 13.28
N GLY B 280 24.80 11.60 13.57
CA GLY B 280 25.97 11.87 14.37
C GLY B 280 26.74 13.04 13.76
N PHE B 281 27.03 12.95 12.47
CA PHE B 281 27.77 13.99 11.77
C PHE B 281 27.07 15.34 11.91
N ILE B 282 25.76 15.34 11.70
CA ILE B 282 24.98 16.57 11.83
C ILE B 282 25.17 17.08 13.25
N CYS B 283 24.95 16.19 14.22
CA CYS B 283 25.07 16.52 15.62
C CYS B 283 26.44 17.10 15.92
N GLY B 284 27.42 16.80 15.06
CA GLY B 284 28.76 17.32 15.25
C GLY B 284 28.77 18.83 15.12
N LEU B 285 27.59 19.43 15.30
CA LEU B 285 27.38 20.88 15.23
C LEU B 285 27.49 21.42 16.66
N LEU B 286 27.61 20.50 17.62
CA LEU B 286 27.77 20.87 19.02
C LEU B 286 29.19 21.36 19.20
N ASP B 287 30.10 20.77 18.44
CA ASP B 287 31.50 21.16 18.51
C ASP B 287 31.88 21.72 17.16
N GLY B 288 32.97 21.20 16.58
CA GLY B 288 33.41 21.66 15.29
C GLY B 288 34.22 20.65 14.53
N TYR B 289 34.89 21.13 13.50
CA TYR B 289 35.74 20.29 12.65
C TYR B 289 34.89 19.21 12.03
N THR B 290 35.12 18.93 10.75
CA THR B 290 34.37 17.88 10.10
C THR B 290 34.85 16.54 10.65
N VAL B 291 35.55 16.61 11.78
CA VAL B 291 36.03 15.45 12.50
C VAL B 291 34.73 14.84 13.01
N LYS B 292 33.65 15.57 12.77
CA LYS B 292 32.31 15.16 13.14
C LYS B 292 32.02 13.89 12.34
N ARG B 293 32.77 13.69 11.26
CA ARG B 293 32.63 12.50 10.42
C ARG B 293 32.99 11.27 11.27
N SER B 294 33.86 11.46 12.26
CA SER B 294 34.27 10.38 13.15
C SER B 294 33.23 10.22 14.24
N ILE B 295 32.78 11.36 14.77
CA ILE B 295 31.75 11.36 15.81
C ILE B 295 30.51 10.63 15.28
N LYS B 296 30.19 10.87 14.02
CA LYS B 296 29.06 10.22 13.38
C LYS B 296 29.30 8.73 13.32
N LEU B 297 30.53 8.37 12.93
CA LEU B 297 30.95 7.00 12.82
C LEU B 297 30.62 6.24 14.10
N GLY B 298 31.00 6.80 15.24
CA GLY B 298 30.70 6.12 16.48
C GLY B 298 29.21 6.07 16.71
N ASN B 299 28.50 6.94 16.01
CA ASN B 299 27.06 7.00 16.20
C ASN B 299 26.25 5.91 15.54
N GLY B 300 26.83 5.25 14.56
CA GLY B 300 26.09 4.17 13.95
C GLY B 300 26.15 3.02 14.93
N VAL B 301 25.01 2.65 15.48
CA VAL B 301 24.97 1.53 16.40
C VAL B 301 24.17 0.40 15.81
N ALA B 302 24.86 -0.36 14.96
CA ALA B 302 24.24 -1.53 14.43
C ALA B 302 24.33 -2.36 15.69
N ALA B 303 24.42 -3.67 15.54
CA ALA B 303 24.55 -4.57 16.67
C ALA B 303 26.01 -4.99 16.73
N PHE B 304 26.82 -4.11 17.30
CA PHE B 304 28.24 -4.30 17.47
C PHE B 304 28.58 -3.15 18.37
N LYS B 305 29.39 -3.42 19.39
CA LYS B 305 29.86 -2.43 20.34
C LYS B 305 28.86 -1.72 21.25
N ILE B 306 28.89 -0.39 21.13
CA ILE B 306 28.02 0.49 21.89
C ILE B 306 28.35 0.73 23.35
#